data_3H07
#
_entry.id   3H07
#
_cell.length_a   39.907
_cell.length_b   70.815
_cell.length_c   62.297
_cell.angle_alpha   90.00
_cell.angle_beta   90.13
_cell.angle_gamma   90.00
#
_symmetry.space_group_name_H-M   'P 1 21 1'
#
loop_
_entity.id
_entity.type
_entity.pdbx_description
1 polymer '3,4-dihydroxy-2-butanone 4-phosphate synthase'
2 water water
#
_entity_poly.entity_id   1
_entity_poly.type   'polypeptide(L)'
_entity_poly.pdbx_seq_one_letter_code
;SNAMNQTLLSDFGTPVERVERAIDALRNGRGVMVLDDESRENEGDMVFAAEAMTLEQMALTIRHGSGIVCLCITDERRQQ
LDLPMMVTHNSSQFQTAFTVTIEAAEGVTTGVSAADRLTTIRKAIADNAKPADLNRPGHVFPLRGQPGGVLSRRGHTEAS
IDLATLAGYKPAGVLCELTNDDGSMAHAPEVIAFAKLHDMPVVTIDDLAAYLQSRAKKAS
;
_entity_poly.pdbx_strand_id   A,B
#
# COMPACT_ATOMS: atom_id res chain seq x y z
N THR A 7 -22.02 -21.95 -12.99
CA THR A 7 -21.01 -20.86 -12.91
C THR A 7 -19.72 -21.36 -12.31
N LEU A 8 -18.72 -20.49 -12.41
CA LEU A 8 -17.34 -20.80 -12.02
C LEU A 8 -17.16 -21.11 -10.54
N LEU A 9 -18.15 -20.75 -9.72
CA LEU A 9 -18.06 -20.82 -8.25
C LEU A 9 -18.76 -22.01 -7.59
N SER A 10 -19.15 -23.00 -8.39
CA SER A 10 -20.04 -24.04 -7.89
C SER A 10 -19.43 -24.86 -6.76
N ASP A 11 -18.12 -25.08 -6.83
CA ASP A 11 -17.37 -25.80 -5.81
C ASP A 11 -17.53 -25.22 -4.37
N PHE A 12 -17.89 -23.95 -4.25
CA PHE A 12 -18.08 -23.28 -2.93
C PHE A 12 -19.52 -23.37 -2.41
N GLY A 13 -20.43 -23.74 -3.29
CA GLY A 13 -21.84 -23.95 -2.96
C GLY A 13 -22.76 -23.03 -3.78
N THR A 14 -24.02 -22.97 -3.37
CA THR A 14 -24.99 -22.03 -3.93
C THR A 14 -24.77 -20.68 -3.28
N PRO A 15 -25.35 -19.64 -3.87
CA PRO A 15 -25.23 -18.31 -3.34
C PRO A 15 -25.44 -18.22 -1.84
N VAL A 16 -26.53 -18.77 -1.35
CA VAL A 16 -26.77 -18.80 0.09
C VAL A 16 -25.61 -19.45 0.87
N GLU A 17 -25.29 -20.68 0.46
CA GLU A 17 -24.28 -21.51 1.07
C GLU A 17 -22.93 -20.83 1.05
N ARG A 18 -22.68 -20.06 -0.02
CA ARG A 18 -21.45 -19.32 -0.13
C ARG A 18 -21.32 -18.21 0.93
N VAL A 19 -22.38 -17.42 1.13
CA VAL A 19 -22.39 -16.42 2.17
C VAL A 19 -22.30 -17.13 3.52
N GLU A 20 -23.05 -18.22 3.65
CA GLU A 20 -23.07 -18.91 4.94
C GLU A 20 -21.65 -19.42 5.34
N ARG A 21 -20.89 -19.89 4.35
CA ARG A 21 -19.61 -20.51 4.59
C ARG A 21 -18.54 -19.43 4.78
N ALA A 22 -18.71 -18.31 4.09
CA ALA A 22 -17.88 -17.14 4.32
C ALA A 22 -18.02 -16.68 5.76
N ILE A 23 -19.26 -16.57 6.22
CA ILE A 23 -19.56 -16.12 7.60
C ILE A 23 -18.90 -17.03 8.62
N ASP A 24 -19.00 -18.32 8.37
CA ASP A 24 -18.39 -19.39 9.17
C ASP A 24 -16.85 -19.36 9.15
N ALA A 25 -16.27 -19.12 8.00
CA ALA A 25 -14.79 -18.94 7.91
C ALA A 25 -14.36 -17.79 8.83
N LEU A 26 -15.07 -16.67 8.73
CA LEU A 26 -14.74 -15.54 9.56
C LEU A 26 -14.90 -15.89 11.00
N ARG A 27 -16.01 -16.53 11.35
CA ARG A 27 -16.25 -16.87 12.76
C ARG A 27 -15.12 -17.71 13.33
N ASN A 28 -14.44 -18.49 12.48
CA ASN A 28 -13.41 -19.41 12.96
C ASN A 28 -12.00 -18.88 12.74
N GLY A 29 -11.89 -17.55 12.67
CA GLY A 29 -10.59 -16.88 12.51
C GLY A 29 -9.84 -17.15 11.20
N ARG A 30 -10.60 -17.39 10.12
CA ARG A 30 -10.03 -17.43 8.80
C ARG A 30 -10.47 -16.21 8.00
N GLY A 31 -9.78 -16.03 6.87
CA GLY A 31 -10.16 -14.99 5.92
C GLY A 31 -11.10 -15.50 4.83
N VAL A 32 -11.59 -14.59 4.01
CA VAL A 32 -12.44 -14.97 2.90
C VAL A 32 -11.99 -14.19 1.66
N MET A 33 -12.35 -14.71 0.49
CA MET A 33 -12.14 -14.05 -0.78
C MET A 33 -13.47 -13.50 -1.21
N VAL A 34 -13.59 -12.18 -1.16
CA VAL A 34 -14.75 -11.49 -1.70
C VAL A 34 -14.46 -11.10 -3.17
N LEU A 35 -15.26 -11.64 -4.07
CA LEU A 35 -15.13 -11.44 -5.49
C LEU A 35 -16.21 -10.54 -6.04
N ASP A 36 -15.80 -9.50 -6.75
CA ASP A 36 -16.67 -8.68 -7.57
C ASP A 36 -16.95 -9.29 -8.93
N ASP A 37 -18.21 -9.66 -9.14
CA ASP A 37 -18.73 -10.24 -10.37
C ASP A 37 -19.33 -9.25 -11.31
N GLU A 38 -19.65 -8.10 -10.77
CA GLU A 38 -20.54 -7.16 -11.35
C GLU A 38 -19.99 -5.88 -11.89
N SER A 39 -18.70 -5.73 -11.95
CA SER A 39 -18.16 -4.50 -12.37
C SER A 39 -17.35 -4.69 -13.59
N ARG A 40 -17.03 -3.58 -14.22
CA ARG A 40 -16.26 -3.70 -15.46
C ARG A 40 -14.89 -4.35 -15.20
N GLU A 41 -14.22 -3.96 -14.13
CA GLU A 41 -13.00 -4.65 -13.69
C GLU A 41 -13.33 -5.51 -12.47
N ASN A 42 -13.25 -6.82 -12.62
CA ASN A 42 -13.49 -7.74 -11.53
C ASN A 42 -12.29 -7.73 -10.63
N GLU A 43 -12.55 -7.88 -9.35
CA GLU A 43 -11.52 -7.72 -8.35
C GLU A 43 -11.86 -8.70 -7.23
N GLY A 44 -10.85 -9.51 -6.83
CA GLY A 44 -10.99 -10.41 -5.71
C GLY A 44 -10.14 -9.84 -4.60
N ASP A 45 -10.70 -9.74 -3.40
CA ASP A 45 -9.97 -9.18 -2.26
C ASP A 45 -9.84 -10.22 -1.17
N MET A 46 -8.66 -10.26 -0.55
CA MET A 46 -8.49 -10.95 0.72
C MET A 46 -9.20 -10.12 1.78
N VAL A 47 -10.04 -10.77 2.60
CA VAL A 47 -10.88 -10.09 3.56
C VAL A 47 -10.87 -10.81 4.93
N PHE A 48 -10.61 -10.04 5.97
CA PHE A 48 -10.57 -10.57 7.37
C PHE A 48 -11.45 -9.73 8.26
N ALA A 49 -12.00 -10.28 9.32
CA ALA A 49 -12.62 -9.48 10.38
C ALA A 49 -11.49 -8.83 11.13
N ALA A 50 -11.52 -7.51 11.30
CA ALA A 50 -10.44 -6.80 11.97
C ALA A 50 -10.12 -7.36 13.36
N GLU A 51 -11.16 -7.52 14.19
CA GLU A 51 -11.07 -8.07 15.53
C GLU A 51 -10.38 -9.44 15.58
N ALA A 52 -10.57 -10.26 14.55
CA ALA A 52 -9.98 -11.59 14.50
C ALA A 52 -8.60 -11.72 13.84
N MET A 53 -8.10 -10.67 13.17
CA MET A 53 -6.99 -10.90 12.22
C MET A 53 -5.68 -11.25 12.94
N THR A 54 -4.97 -12.25 12.41
CA THR A 54 -3.71 -12.68 12.96
C THR A 54 -2.49 -12.14 12.18
N LEU A 55 -1.35 -12.19 12.86
CA LEU A 55 -0.09 -11.77 12.29
C LEU A 55 0.19 -12.50 11.00
N GLU A 56 0.05 -13.82 11.01
CA GLU A 56 0.29 -14.62 9.78
C GLU A 56 -0.63 -14.24 8.62
N GLN A 57 -1.88 -13.95 8.94
CA GLN A 57 -2.82 -13.40 7.97
C GLN A 57 -2.43 -12.03 7.42
N MET A 58 -1.95 -11.13 8.26
CA MET A 58 -1.44 -9.84 7.73
C MET A 58 -0.21 -10.09 6.81
N ALA A 59 0.72 -10.90 7.26
CA ALA A 59 1.83 -11.28 6.37
C ALA A 59 1.36 -11.88 5.06
N LEU A 60 0.32 -12.73 5.09
CA LEU A 60 -0.23 -13.36 3.86
C LEU A 60 -0.79 -12.27 2.93
N THR A 61 -1.51 -11.35 3.56
CA THR A 61 -2.14 -10.28 2.88
C THR A 61 -1.12 -9.40 2.17
N ILE A 62 -0.02 -9.05 2.83
CA ILE A 62 0.98 -8.18 2.24
C ILE A 62 1.71 -8.97 1.15
N ARG A 63 2.07 -10.19 1.48
CA ARG A 63 2.78 -11.01 0.53
C ARG A 63 2.02 -11.10 -0.79
N HIS A 64 0.74 -11.40 -0.73
CA HIS A 64 -0.01 -11.74 -1.94
C HIS A 64 -0.97 -10.65 -2.38
N GLY A 65 -0.99 -9.51 -1.73
CA GLY A 65 -1.92 -8.50 -2.21
C GLY A 65 -1.23 -7.29 -2.71
N SER A 66 -2.00 -6.19 -2.86
CA SER A 66 -1.41 -4.98 -3.27
C SER A 66 -0.45 -4.41 -2.26
N GLY A 67 -0.66 -4.78 -1.00
CA GLY A 67 0.08 -4.28 0.12
C GLY A 67 -0.54 -2.98 0.60
N ILE A 68 -1.58 -2.54 -0.08
CA ILE A 68 -2.36 -1.36 0.41
C ILE A 68 -3.47 -1.99 1.21
N VAL A 69 -3.15 -2.29 2.44
CA VAL A 69 -4.06 -3.01 3.36
C VAL A 69 -4.98 -1.95 4.02
N CYS A 70 -6.28 -2.12 3.79
CA CYS A 70 -7.26 -1.16 4.23
C CYS A 70 -8.06 -1.70 5.45
N LEU A 71 -8.41 -0.75 6.31
CA LEU A 71 -9.22 -0.97 7.52
C LEU A 71 -10.55 -0.31 7.27
N CYS A 72 -11.54 -1.14 7.01
CA CYS A 72 -12.87 -0.65 6.64
C CYS A 72 -13.70 -0.39 7.89
N ILE A 73 -14.19 0.84 8.04
CA ILE A 73 -14.77 1.26 9.30
C ILE A 73 -16.08 1.98 9.05
N THR A 74 -16.98 1.89 10.04
CA THR A 74 -18.22 2.67 10.08
C THR A 74 -17.97 4.20 10.23
N ASP A 75 -18.92 5.01 9.78
CA ASP A 75 -18.81 6.46 10.00
C ASP A 75 -18.66 6.76 11.50
N GLU A 76 -19.52 6.17 12.34
CA GLU A 76 -19.40 6.22 13.79
C GLU A 76 -17.95 6.06 14.25
N ARG A 77 -17.31 4.98 13.76
CA ARG A 77 -15.95 4.66 14.17
C ARG A 77 -15.00 5.74 13.68
N ARG A 78 -15.23 6.17 12.44
CA ARG A 78 -14.36 7.14 11.81
C ARG A 78 -14.42 8.48 12.60
N GLN A 79 -15.62 8.82 13.05
CA GLN A 79 -15.89 10.03 13.82
C GLN A 79 -15.33 9.94 15.22
N GLN A 80 -15.33 8.73 15.78
CA GLN A 80 -14.77 8.51 17.07
C GLN A 80 -13.25 8.77 17.05
N LEU A 81 -12.59 8.38 15.95
CA LEU A 81 -11.13 8.54 15.78
C LEU A 81 -10.72 9.94 15.26
N ASP A 82 -11.73 10.80 15.03
CA ASP A 82 -11.62 12.09 14.30
C ASP A 82 -10.75 12.00 13.06
N LEU A 83 -11.16 11.11 12.16
CA LEU A 83 -10.52 10.90 10.91
C LEU A 83 -11.29 11.62 9.84
N PRO A 84 -10.77 12.76 9.35
CA PRO A 84 -11.41 13.37 8.18
C PRO A 84 -11.05 12.61 6.91
N MET A 85 -11.86 12.80 5.88
CA MET A 85 -11.60 12.16 4.59
C MET A 85 -10.30 12.71 4.03
N MET A 86 -9.54 11.87 3.33
CA MET A 86 -8.30 12.33 2.75
C MET A 86 -8.45 13.56 1.81
N VAL A 87 -9.49 13.60 0.96
CA VAL A 87 -9.79 14.79 0.15
C VAL A 87 -11.22 15.24 0.39
N THR A 88 -11.49 16.54 0.27
CA THR A 88 -12.87 17.06 0.32
C THR A 88 -13.60 16.87 -1.03
N HIS A 89 -12.88 16.88 -2.14
CA HIS A 89 -13.47 16.63 -3.46
C HIS A 89 -12.88 15.33 -4.03
N ASN A 90 -13.66 14.25 -4.02
CA ASN A 90 -13.15 12.90 -4.41
C ASN A 90 -13.35 12.66 -5.90
N SER A 91 -12.26 12.82 -6.64
CA SER A 91 -12.25 12.59 -8.08
C SER A 91 -11.87 11.14 -8.48
N SER A 92 -11.82 10.19 -7.52
CA SER A 92 -11.56 8.78 -7.87
C SER A 92 -12.74 8.20 -8.64
N GLN A 93 -12.42 7.29 -9.54
CA GLN A 93 -13.36 6.75 -10.50
C GLN A 93 -14.57 6.10 -9.79
N PHE A 94 -14.31 5.33 -8.72
CA PHE A 94 -15.40 4.68 -7.97
C PHE A 94 -15.62 5.27 -6.53
N GLN A 95 -15.33 6.57 -6.35
CA GLN A 95 -15.55 7.26 -5.04
C GLN A 95 -14.89 6.58 -3.83
N THR A 96 -13.76 5.91 -4.05
CA THR A 96 -13.06 5.18 -3.00
C THR A 96 -12.77 6.02 -1.79
N ALA A 97 -13.29 5.55 -0.66
CA ALA A 97 -13.55 6.35 0.53
C ALA A 97 -12.40 6.42 1.54
N PHE A 98 -11.19 6.69 1.06
CA PHE A 98 -10.04 6.82 1.93
C PHE A 98 -10.15 7.94 2.94
N THR A 99 -9.86 7.65 4.22
CA THR A 99 -9.64 8.73 5.17
C THR A 99 -8.18 9.06 5.12
N VAL A 100 -7.78 10.06 5.92
CA VAL A 100 -6.36 10.30 6.20
C VAL A 100 -5.81 9.03 6.79
N THR A 101 -4.57 8.75 6.48
CA THR A 101 -3.97 7.49 6.90
C THR A 101 -3.41 7.52 8.36
N ILE A 102 -3.24 6.34 8.95
CA ILE A 102 -3.06 6.24 10.41
C ILE A 102 -1.94 5.28 10.81
N GLU A 103 -1.40 5.53 12.01
CA GLU A 103 -0.34 4.74 12.58
C GLU A 103 -0.58 4.76 14.11
N ALA A 104 -0.39 3.64 14.78
CA ALA A 104 -0.51 3.61 16.25
C ALA A 104 0.46 4.66 16.78
N ALA A 105 -0.01 5.47 17.72
CA ALA A 105 0.84 6.41 18.49
C ALA A 105 1.81 5.70 19.47
N GLU A 106 1.45 4.50 19.92
CA GLU A 106 2.33 3.64 20.74
C GLU A 106 2.32 2.24 20.22
N GLY A 107 3.38 1.51 20.48
CA GLY A 107 3.37 0.07 20.26
C GLY A 107 3.98 -0.32 18.93
N VAL A 108 4.47 0.65 18.16
CA VAL A 108 5.02 0.38 16.82
C VAL A 108 6.39 0.98 16.68
N THR A 109 7.11 0.60 15.64
CA THR A 109 8.28 1.37 15.23
C THR A 109 7.99 2.14 13.94
N THR A 110 8.35 1.56 12.80
CA THR A 110 8.19 2.24 11.53
C THR A 110 6.75 2.24 11.07
N GLY A 111 5.99 1.26 11.56
CA GLY A 111 4.58 1.12 11.16
C GLY A 111 4.26 0.16 10.01
N VAL A 112 5.30 -0.36 9.37
CA VAL A 112 5.14 -1.04 8.09
C VAL A 112 5.10 -2.56 8.24
N SER A 113 5.70 -3.06 9.31
CA SER A 113 5.76 -4.51 9.51
C SER A 113 4.31 -4.99 9.73
N ALA A 114 4.10 -6.27 9.51
CA ALA A 114 2.82 -6.96 9.70
C ALA A 114 2.37 -6.83 11.13
N ALA A 115 3.31 -6.99 12.07
CA ALA A 115 3.00 -6.79 13.47
C ALA A 115 2.57 -5.36 13.70
N ASP A 116 3.30 -4.42 13.11
CA ASP A 116 2.99 -2.99 13.27
C ASP A 116 1.61 -2.60 12.75
N ARG A 117 1.26 -3.07 11.55
CA ARG A 117 0.03 -2.69 10.92
C ARG A 117 -1.13 -3.21 11.75
N LEU A 118 -0.95 -4.46 12.21
CA LEU A 118 -1.89 -5.09 13.12
C LEU A 118 -2.13 -4.28 14.40
N THR A 119 -1.06 -3.77 14.99
CA THR A 119 -1.13 -3.03 16.22
C THR A 119 -1.93 -1.76 15.97
N THR A 120 -1.77 -1.17 14.80
CA THR A 120 -2.50 0.07 14.57
C THR A 120 -3.97 -0.24 14.28
N ILE A 121 -4.24 -1.34 13.59
CA ILE A 121 -5.59 -1.77 13.40
C ILE A 121 -6.22 -1.99 14.80
N ARG A 122 -5.55 -2.78 15.65
CA ARG A 122 -6.08 -3.09 17.00
C ARG A 122 -6.45 -1.83 17.81
N LYS A 123 -5.57 -0.83 17.78
CA LYS A 123 -5.80 0.45 18.47
C LYS A 123 -6.99 1.18 17.85
N ALA A 124 -7.10 1.13 16.51
CA ALA A 124 -8.15 1.88 15.85
C ALA A 124 -9.55 1.38 16.28
N ILE A 125 -9.67 0.05 16.44
CA ILE A 125 -10.97 -0.57 16.65
C ILE A 125 -11.26 -0.84 18.11
N ALA A 126 -10.30 -0.47 18.98
CA ALA A 126 -10.42 -0.77 20.41
C ALA A 126 -11.60 -0.06 20.98
N ASP A 127 -12.18 -0.69 21.99
CA ASP A 127 -13.46 -0.27 22.56
C ASP A 127 -13.53 1.20 22.91
N ASN A 128 -12.51 1.72 23.58
CA ASN A 128 -12.53 3.16 23.90
C ASN A 128 -11.44 3.95 23.13
N ALA A 129 -11.29 3.63 21.84
CA ALA A 129 -10.20 4.22 21.08
C ALA A 129 -10.40 5.74 21.03
N LYS A 130 -9.31 6.47 21.29
CA LYS A 130 -9.33 7.96 21.24
C LYS A 130 -8.55 8.37 19.98
N PRO A 131 -8.85 9.55 19.44
CA PRO A 131 -8.05 10.13 18.34
C PRO A 131 -6.54 10.16 18.59
N ALA A 132 -6.15 10.48 19.82
CA ALA A 132 -4.75 10.64 20.15
C ALA A 132 -4.05 9.30 20.05
N ASP A 133 -4.80 8.20 20.04
CA ASP A 133 -4.23 6.87 19.90
C ASP A 133 -3.54 6.63 18.52
N LEU A 134 -3.86 7.48 17.56
CA LEU A 134 -3.38 7.36 16.20
C LEU A 134 -2.54 8.53 15.75
N ASN A 135 -1.38 8.25 15.17
CA ASN A 135 -0.70 9.36 14.54
C ASN A 135 -1.21 9.40 13.11
N ARG A 136 -1.18 10.58 12.47
CA ARG A 136 -1.42 10.63 11.01
C ARG A 136 -0.33 11.45 10.36
N PRO A 137 0.15 11.02 9.18
CA PRO A 137 -0.30 9.86 8.40
C PRO A 137 0.42 8.61 8.79
N GLY A 138 0.10 7.52 8.09
CA GLY A 138 0.73 6.26 8.32
C GLY A 138 0.51 5.23 7.21
N HIS A 139 0.73 4.00 7.59
CA HIS A 139 0.81 2.90 6.65
C HIS A 139 -0.37 1.97 6.77
N VAL A 140 -1.42 2.44 7.43
CA VAL A 140 -2.72 1.75 7.41
C VAL A 140 -3.77 2.72 6.86
N PHE A 141 -4.60 2.17 5.96
CA PHE A 141 -5.46 2.96 5.12
C PHE A 141 -6.88 2.65 5.44
N PRO A 142 -7.50 3.50 6.26
CA PRO A 142 -8.87 3.35 6.58
C PRO A 142 -9.76 3.76 5.40
N LEU A 143 -10.83 3.01 5.19
CA LEU A 143 -11.90 3.32 4.22
C LEU A 143 -13.20 3.46 4.91
N ARG A 144 -13.96 4.54 4.64
CA ARG A 144 -15.27 4.73 5.26
C ARG A 144 -16.34 3.94 4.55
N GLY A 145 -17.00 3.01 5.24
CA GLY A 145 -18.08 2.22 4.66
C GLY A 145 -19.25 3.11 4.42
N GLN A 146 -20.00 2.88 3.34
CA GLN A 146 -21.18 3.68 3.09
C GLN A 146 -22.23 3.25 4.09
N PRO A 147 -23.01 4.19 4.66
CA PRO A 147 -24.10 3.71 5.49
C PRO A 147 -25.04 2.85 4.66
N GLY A 148 -25.46 1.71 5.21
CA GLY A 148 -26.35 0.79 4.54
C GLY A 148 -25.59 -0.35 3.91
N GLY A 149 -24.27 -0.29 3.91
CA GLY A 149 -23.49 -1.44 3.50
C GLY A 149 -23.74 -1.84 2.06
N VAL A 150 -23.62 -3.13 1.75
CA VAL A 150 -23.74 -3.59 0.36
C VAL A 150 -25.08 -3.25 -0.33
N LEU A 151 -26.12 -2.95 0.45
CA LEU A 151 -27.39 -2.59 -0.11
C LEU A 151 -27.35 -1.15 -0.64
N SER A 152 -26.40 -0.35 -0.17
CA SER A 152 -26.26 1.03 -0.68
C SER A 152 -25.11 1.20 -1.68
N ARG A 153 -24.04 0.43 -1.48
CA ARG A 153 -22.91 0.47 -2.37
C ARG A 153 -22.33 -0.93 -2.42
N ARG A 154 -22.35 -1.52 -3.60
CA ARG A 154 -21.81 -2.87 -3.77
C ARG A 154 -20.30 -2.85 -3.91
N GLY A 155 -19.64 -2.33 -2.88
CA GLY A 155 -18.18 -2.30 -2.82
C GLY A 155 -17.59 -3.34 -1.90
N HIS A 156 -16.33 -3.76 -2.15
CA HIS A 156 -15.68 -4.64 -1.24
C HIS A 156 -15.53 -3.99 0.14
N THR A 157 -15.42 -2.67 0.20
CA THR A 157 -15.35 -2.00 1.53
C THR A 157 -16.57 -2.32 2.39
N GLU A 158 -17.73 -2.30 1.77
CA GLU A 158 -18.99 -2.49 2.44
C GLU A 158 -19.18 -3.95 2.76
N ALA A 159 -18.77 -4.84 1.84
CA ALA A 159 -18.86 -6.28 2.05
C ALA A 159 -18.06 -6.74 3.27
N SER A 160 -16.86 -6.15 3.48
CA SER A 160 -15.99 -6.54 4.59
C SER A 160 -16.62 -6.17 5.93
N ILE A 161 -17.19 -4.97 6.03
CA ILE A 161 -17.96 -4.54 7.20
C ILE A 161 -19.23 -5.35 7.44
N ASP A 162 -20.00 -5.62 6.40
CA ASP A 162 -21.19 -6.47 6.55
C ASP A 162 -20.89 -7.93 6.93
N LEU A 163 -19.85 -8.49 6.37
CA LEU A 163 -19.44 -9.83 6.73
C LEU A 163 -18.89 -9.92 8.18
N ALA A 164 -18.15 -8.90 8.62
CA ALA A 164 -17.61 -8.90 9.99
C ALA A 164 -18.79 -8.95 10.94
N THR A 165 -19.76 -8.09 10.67
CA THR A 165 -20.96 -7.97 11.50
C THR A 165 -21.80 -9.23 11.41
N LEU A 166 -22.03 -9.74 10.22
CA LEU A 166 -22.72 -11.02 10.10
C LEU A 166 -22.01 -12.09 10.93
N ALA A 167 -20.68 -12.09 10.93
CA ALA A 167 -19.90 -13.02 11.73
C ALA A 167 -19.90 -12.76 13.26
N GLY A 168 -20.57 -11.67 13.70
CA GLY A 168 -20.60 -11.31 15.11
C GLY A 168 -19.33 -10.73 15.69
N TYR A 169 -18.59 -10.02 14.86
CA TYR A 169 -17.44 -9.28 15.27
C TYR A 169 -17.75 -7.79 15.33
N LYS A 170 -16.87 -6.98 15.87
CA LYS A 170 -16.98 -5.50 15.70
C LYS A 170 -17.09 -5.22 14.16
N PRO A 171 -17.86 -4.20 13.75
CA PRO A 171 -18.15 -3.87 12.34
C PRO A 171 -16.96 -3.19 11.67
N ALA A 172 -15.91 -3.98 11.47
CA ALA A 172 -14.63 -3.52 10.94
C ALA A 172 -13.94 -4.65 10.16
N GLY A 173 -13.60 -4.31 8.91
CA GLY A 173 -12.98 -5.25 7.99
C GLY A 173 -11.54 -4.86 7.71
N VAL A 174 -10.74 -5.85 7.31
CA VAL A 174 -9.48 -5.62 6.65
C VAL A 174 -9.58 -6.24 5.23
N LEU A 175 -9.13 -5.50 4.22
CA LEU A 175 -9.17 -5.98 2.85
C LEU A 175 -7.88 -5.60 2.14
N CYS A 176 -7.56 -6.38 1.11
CA CYS A 176 -6.47 -6.08 0.17
C CYS A 176 -6.69 -6.88 -1.10
N GLU A 177 -6.41 -6.26 -2.23
CA GLU A 177 -6.70 -6.83 -3.54
C GLU A 177 -5.68 -7.91 -3.78
N LEU A 178 -6.12 -9.11 -4.13
CA LEU A 178 -5.19 -10.16 -4.51
C LEU A 178 -4.48 -9.80 -5.82
N THR A 179 -3.15 -9.81 -5.80
CA THR A 179 -2.32 -9.50 -6.98
C THR A 179 -1.46 -10.74 -7.40
N ASN A 180 -1.02 -10.80 -8.64
CA ASN A 180 -0.10 -11.91 -9.02
C ASN A 180 1.30 -11.38 -8.92
N ASP A 181 2.26 -12.28 -8.92
CA ASP A 181 3.68 -11.92 -8.72
C ASP A 181 4.20 -11.13 -9.91
N ASP A 182 3.54 -11.23 -11.07
CA ASP A 182 3.93 -10.46 -12.23
C ASP A 182 3.28 -9.07 -12.22
N GLY A 183 2.51 -8.74 -11.20
CA GLY A 183 1.99 -7.34 -11.10
C GLY A 183 0.57 -7.16 -11.63
N SER A 184 0.02 -8.20 -12.30
CA SER A 184 -1.40 -8.16 -12.68
C SER A 184 -2.28 -8.47 -11.48
N MET A 185 -3.49 -7.91 -11.49
CA MET A 185 -4.51 -8.21 -10.49
C MET A 185 -5.16 -9.54 -10.84
N ALA A 186 -5.50 -10.33 -9.81
CA ALA A 186 -6.11 -11.66 -9.98
C ALA A 186 -7.51 -11.51 -10.57
N HIS A 187 -7.81 -12.40 -11.51
CA HIS A 187 -9.15 -12.60 -12.07
C HIS A 187 -9.80 -13.85 -11.44
N ALA A 188 -11.02 -14.14 -11.87
CA ALA A 188 -11.91 -14.97 -11.07
C ALA A 188 -11.25 -16.34 -10.87
N PRO A 189 -10.71 -16.92 -11.95
CA PRO A 189 -10.01 -18.17 -11.81
C PRO A 189 -8.85 -18.10 -10.85
N GLU A 190 -8.04 -17.05 -10.90
CA GLU A 190 -6.92 -17.00 -10.00
C GLU A 190 -7.38 -16.80 -8.53
N VAL A 191 -8.44 -16.00 -8.32
CA VAL A 191 -9.03 -15.83 -7.04
C VAL A 191 -9.54 -17.16 -6.47
N ILE A 192 -10.20 -17.94 -7.32
CA ILE A 192 -10.65 -19.29 -6.91
C ILE A 192 -9.49 -20.20 -6.56
N ALA A 193 -8.46 -20.24 -7.40
CA ALA A 193 -7.24 -21.01 -7.11
C ALA A 193 -6.67 -20.66 -5.75
N PHE A 194 -6.62 -19.36 -5.44
CA PHE A 194 -6.03 -18.88 -4.22
C PHE A 194 -6.92 -19.28 -3.03
N ALA A 195 -8.22 -19.08 -3.19
CA ALA A 195 -9.21 -19.46 -2.18
C ALA A 195 -9.04 -20.89 -1.81
N LYS A 196 -9.05 -21.74 -2.81
CA LYS A 196 -8.86 -23.19 -2.54
C LYS A 196 -7.56 -23.51 -1.83
N LEU A 197 -6.44 -22.93 -2.27
CA LEU A 197 -5.14 -23.21 -1.68
C LEU A 197 -4.91 -22.67 -0.28
N HIS A 198 -5.50 -21.53 0.06
CA HIS A 198 -5.39 -21.01 1.40
C HIS A 198 -6.61 -21.21 2.29
N ASP A 199 -7.55 -22.06 1.91
CA ASP A 199 -8.73 -22.30 2.72
C ASP A 199 -9.40 -20.98 3.10
N MET A 200 -9.68 -20.14 2.11
CA MET A 200 -10.43 -18.90 2.31
C MET A 200 -11.50 -18.79 1.25
N PRO A 201 -12.74 -19.18 1.59
CA PRO A 201 -13.82 -19.37 0.64
C PRO A 201 -14.15 -18.14 -0.13
N VAL A 202 -14.71 -18.33 -1.30
CA VAL A 202 -15.07 -17.21 -2.14
C VAL A 202 -16.51 -16.91 -1.98
N VAL A 203 -16.81 -15.63 -1.82
CA VAL A 203 -18.18 -15.14 -1.91
C VAL A 203 -18.22 -13.88 -2.78
N THR A 204 -19.21 -13.79 -3.66
CA THR A 204 -19.34 -12.56 -4.47
C THR A 204 -20.11 -11.43 -3.71
N ILE A 205 -19.88 -10.19 -4.09
CA ILE A 205 -20.65 -9.09 -3.50
C ILE A 205 -22.12 -9.26 -3.85
N ASP A 206 -22.41 -9.77 -5.06
CA ASP A 206 -23.79 -10.12 -5.40
C ASP A 206 -24.43 -11.12 -4.41
N ASP A 207 -23.79 -12.28 -4.26
CA ASP A 207 -24.15 -13.27 -3.22
C ASP A 207 -24.58 -12.61 -1.93
N LEU A 208 -23.71 -11.75 -1.40
CA LEU A 208 -23.94 -11.12 -0.12
C LEU A 208 -25.14 -10.18 -0.19
N ALA A 209 -25.20 -9.38 -1.25
CA ALA A 209 -26.25 -8.39 -1.46
C ALA A 209 -27.59 -9.09 -1.43
N ALA A 210 -27.69 -10.10 -2.30
CA ALA A 210 -28.87 -10.92 -2.40
C ALA A 210 -29.23 -11.40 -1.03
N TYR A 211 -28.23 -11.89 -0.32
CA TYR A 211 -28.46 -12.57 0.98
C TYR A 211 -29.07 -11.65 2.04
N LEU A 212 -28.60 -10.42 2.11
CA LEU A 212 -29.06 -9.42 3.07
C LEU A 212 -30.42 -8.83 2.69
N GLN A 213 -30.72 -8.81 1.39
CA GLN A 213 -32.01 -8.28 0.91
C GLN A 213 -33.14 -9.09 1.53
N SER A 214 -32.85 -10.35 1.85
CA SER A 214 -33.85 -11.27 2.39
C SER A 214 -33.74 -11.49 3.90
N ARG A 215 -32.76 -10.86 4.57
CA ARG A 215 -32.58 -11.01 6.02
C ARG A 215 -33.66 -10.18 6.71
N LEU B 9 29.16 -5.26 4.40
CA LEU B 9 28.82 -4.30 3.31
C LEU B 9 29.97 -3.94 2.35
N SER B 10 31.16 -4.48 2.63
CA SER B 10 32.37 -4.21 1.82
C SER B 10 32.39 -4.93 0.48
N ASP B 11 31.58 -5.98 0.36
CA ASP B 11 31.30 -6.67 -0.90
C ASP B 11 30.87 -5.68 -2.02
N PHE B 12 30.20 -4.60 -1.64
CA PHE B 12 29.71 -3.59 -2.59
C PHE B 12 30.70 -2.47 -2.90
N GLY B 13 31.81 -2.42 -2.18
CA GLY B 13 32.82 -1.39 -2.38
C GLY B 13 33.07 -0.53 -1.14
N THR B 14 33.85 0.52 -1.35
CA THR B 14 34.04 1.60 -0.41
C THR B 14 32.83 2.54 -0.47
N PRO B 15 32.72 3.40 0.54
CA PRO B 15 31.67 4.39 0.59
C PRO B 15 31.51 5.18 -0.70
N VAL B 16 32.60 5.68 -1.26
CA VAL B 16 32.51 6.35 -2.56
C VAL B 16 32.12 5.42 -3.75
N GLU B 17 32.70 4.21 -3.77
CA GLU B 17 32.44 3.22 -4.82
C GLU B 17 31.02 2.71 -4.76
N ARG B 18 30.43 2.77 -3.57
CA ARG B 18 29.04 2.37 -3.39
C ARG B 18 28.06 3.36 -4.03
N VAL B 19 28.36 4.64 -3.91
CA VAL B 19 27.48 5.68 -4.46
C VAL B 19 27.72 5.71 -5.95
N GLU B 20 28.99 5.60 -6.36
CA GLU B 20 29.26 5.56 -7.80
C GLU B 20 28.56 4.34 -8.47
N ARG B 21 28.46 3.22 -7.75
CA ARG B 21 27.92 2.01 -8.34
C ARG B 21 26.38 2.04 -8.31
N ALA B 22 25.81 2.73 -7.34
CA ALA B 22 24.35 2.88 -7.24
C ALA B 22 23.87 3.76 -8.42
N ILE B 23 24.57 4.88 -8.58
CA ILE B 23 24.32 5.82 -9.66
C ILE B 23 24.36 5.10 -11.01
N ASP B 24 25.36 4.23 -11.18
CA ASP B 24 25.51 3.48 -12.42
C ASP B 24 24.40 2.47 -12.61
N ALA B 25 24.04 1.80 -11.54
CA ALA B 25 22.91 0.87 -11.59
C ALA B 25 21.70 1.59 -12.16
N LEU B 26 21.43 2.77 -11.63
CA LEU B 26 20.22 3.51 -12.01
C LEU B 26 20.35 3.92 -13.45
N ARG B 27 21.52 4.47 -13.78
CA ARG B 27 21.77 4.88 -15.20
C ARG B 27 21.43 3.83 -16.19
N ASN B 28 21.59 2.57 -15.81
CA ASN B 28 21.38 1.46 -16.70
C ASN B 28 20.05 0.79 -16.48
N GLY B 29 19.09 1.56 -16.00
CA GLY B 29 17.72 1.06 -15.83
C GLY B 29 17.55 -0.07 -14.81
N ARG B 30 18.39 -0.10 -13.78
CA ARG B 30 18.21 -1.02 -12.68
C ARG B 30 17.86 -0.29 -11.43
N GLY B 31 17.48 -1.10 -10.44
CA GLY B 31 17.22 -0.65 -9.07
C GLY B 31 18.43 -0.68 -8.13
N VAL B 32 18.29 -0.01 -7.01
CA VAL B 32 19.30 0.03 -5.97
C VAL B 32 18.61 -0.25 -4.64
N MET B 33 19.37 -0.76 -3.67
CA MET B 33 18.90 -0.92 -2.28
C MET B 33 19.55 0.17 -1.48
N VAL B 34 18.75 1.15 -1.05
CA VAL B 34 19.21 2.20 -0.13
C VAL B 34 18.96 1.78 1.30
N LEU B 35 20.04 1.68 2.07
CA LEU B 35 20.01 1.19 3.44
C LEU B 35 20.28 2.33 4.40
N ASP B 36 19.32 2.55 5.33
CA ASP B 36 19.54 3.29 6.57
C ASP B 36 20.27 2.44 7.59
N ASP B 37 21.47 2.87 7.94
CA ASP B 37 22.27 2.22 8.99
C ASP B 37 22.55 3.18 10.13
N GLU B 38 21.81 4.28 10.20
CA GLU B 38 21.96 5.21 11.30
C GLU B 38 20.72 5.45 12.17
N SER B 39 19.53 5.06 11.77
CA SER B 39 18.42 5.27 12.68
C SER B 39 18.27 4.11 13.62
N ARG B 40 17.39 4.24 14.61
CA ARG B 40 17.16 3.19 15.58
C ARG B 40 16.51 2.00 14.87
N GLU B 41 15.63 2.29 13.92
CA GLU B 41 15.07 1.29 13.04
C GLU B 41 15.72 1.36 11.67
N ASN B 42 16.56 0.37 11.41
CA ASN B 42 17.24 0.18 10.14
C ASN B 42 16.28 -0.31 9.12
N GLU B 43 16.41 0.21 7.92
CA GLU B 43 15.45 -0.05 6.88
C GLU B 43 16.15 0.00 5.55
N GLY B 44 15.82 -0.98 4.71
CA GLY B 44 16.31 -1.15 3.35
C GLY B 44 15.14 -0.96 2.42
N ASP B 45 15.32 -0.12 1.42
CA ASP B 45 14.27 0.16 0.47
C ASP B 45 14.74 -0.14 -0.90
N MET B 46 13.84 -0.72 -1.68
CA MET B 46 14.05 -0.83 -3.13
C MET B 46 13.87 0.53 -3.70
N VAL B 47 14.82 0.98 -4.53
CA VAL B 47 14.79 2.33 -5.08
C VAL B 47 15.02 2.34 -6.60
N PHE B 48 14.17 3.07 -7.30
CA PHE B 48 14.28 3.25 -8.76
C PHE B 48 14.17 4.69 -9.14
N ALA B 49 14.77 5.08 -10.25
CA ALA B 49 14.48 6.37 -10.87
C ALA B 49 13.15 6.22 -11.54
N ALA B 50 12.26 7.20 -11.34
CA ALA B 50 10.88 7.15 -11.76
C ALA B 50 10.79 7.08 -13.25
N GLU B 51 11.51 8.00 -13.88
CA GLU B 51 11.58 8.12 -15.31
C GLU B 51 12.06 6.81 -15.99
N ALA B 52 12.78 5.98 -15.26
CA ALA B 52 13.34 4.74 -15.81
C ALA B 52 12.65 3.43 -15.37
N MET B 53 11.71 3.48 -14.43
CA MET B 53 11.27 2.22 -13.81
C MET B 53 10.40 1.41 -14.79
N THR B 54 10.65 0.12 -14.87
CA THR B 54 9.91 -0.76 -15.74
C THR B 54 8.80 -1.50 -14.98
N LEU B 55 7.95 -2.18 -15.77
CA LEU B 55 6.84 -2.97 -15.27
C LEU B 55 7.31 -4.10 -14.40
N GLU B 56 8.33 -4.82 -14.85
CA GLU B 56 8.82 -5.96 -14.06
C GLU B 56 9.37 -5.45 -12.73
N GLN B 57 10.00 -4.28 -12.77
CA GLN B 57 10.44 -3.66 -11.52
C GLN B 57 9.31 -3.27 -10.58
N MET B 58 8.19 -2.81 -11.12
CA MET B 58 7.07 -2.38 -10.24
C MET B 58 6.45 -3.65 -9.60
N ALA B 59 6.29 -4.70 -10.42
CA ALA B 59 5.91 -6.03 -9.93
C ALA B 59 6.82 -6.56 -8.83
N LEU B 60 8.13 -6.50 -9.05
CA LEU B 60 9.10 -6.94 -8.04
C LEU B 60 8.90 -6.18 -6.74
N THR B 61 8.70 -4.88 -6.88
CA THR B 61 8.55 -4.02 -5.77
C THR B 61 7.28 -4.25 -4.97
N ILE B 62 6.18 -4.54 -5.63
CA ILE B 62 4.95 -4.91 -4.92
C ILE B 62 5.18 -6.31 -4.29
N ARG B 63 5.77 -7.25 -5.05
CA ARG B 63 5.92 -8.57 -4.54
C ARG B 63 6.74 -8.65 -3.29
N HIS B 64 7.91 -8.06 -3.29
CA HIS B 64 8.82 -8.10 -2.14
C HIS B 64 8.79 -6.92 -1.22
N GLY B 65 8.02 -5.90 -1.48
CA GLY B 65 8.04 -4.81 -0.54
C GLY B 65 6.80 -4.76 0.28
N SER B 66 6.62 -3.62 0.96
CA SER B 66 5.42 -3.34 1.67
C SER B 66 4.19 -3.22 0.79
N GLY B 67 4.40 -2.84 -0.47
CA GLY B 67 3.35 -2.58 -1.39
C GLY B 67 2.89 -1.13 -1.33
N ILE B 68 3.36 -0.42 -0.34
CA ILE B 68 3.09 1.06 -0.24
C ILE B 68 4.19 1.71 -1.04
N VAL B 69 3.96 1.74 -2.35
CA VAL B 69 4.97 2.23 -3.33
C VAL B 69 4.84 3.74 -3.49
N CYS B 70 5.90 4.44 -3.14
CA CYS B 70 5.88 5.88 -3.05
C CYS B 70 6.65 6.55 -4.22
N LEU B 71 6.11 7.69 -4.63
CA LEU B 71 6.70 8.53 -5.67
C LEU B 71 7.30 9.74 -4.99
N CYS B 72 8.62 9.77 -4.96
CA CYS B 72 9.30 10.86 -4.29
C CYS B 72 9.60 12.03 -5.25
N ILE B 73 9.10 13.22 -4.90
CA ILE B 73 9.01 14.34 -5.83
C ILE B 73 9.53 15.59 -5.11
N THR B 74 10.07 16.51 -5.91
CA THR B 74 10.46 17.86 -5.47
C THR B 74 9.22 18.72 -5.09
N ASP B 75 9.43 19.74 -4.28
CA ASP B 75 8.33 20.64 -3.95
C ASP B 75 7.75 21.27 -5.24
N GLU B 76 8.66 21.64 -6.15
CA GLU B 76 8.31 22.15 -7.47
C GLU B 76 7.25 21.32 -8.15
N ARG B 77 7.55 20.02 -8.24
CA ARG B 77 6.70 19.08 -8.92
C ARG B 77 5.38 18.99 -8.17
N ARG B 78 5.45 18.96 -6.85
CA ARG B 78 4.25 18.80 -6.07
C ARG B 78 3.31 20.00 -6.30
N GLN B 79 3.87 21.19 -6.42
CA GLN B 79 3.05 22.39 -6.68
C GLN B 79 2.57 22.51 -8.12
N GLN B 80 3.40 22.07 -9.06
CA GLN B 80 2.95 21.89 -10.41
C GLN B 80 1.70 21.01 -10.48
N LEU B 81 1.66 19.94 -9.66
CA LEU B 81 0.52 19.00 -9.67
C LEU B 81 -0.61 19.38 -8.73
N ASP B 82 -0.44 20.50 -8.04
CA ASP B 82 -1.37 20.99 -7.00
C ASP B 82 -1.78 19.90 -6.03
N LEU B 83 -0.74 19.19 -5.54
CA LEU B 83 -0.80 18.20 -4.50
C LEU B 83 -0.60 18.82 -3.10
N PRO B 84 -1.68 19.07 -2.35
CA PRO B 84 -1.49 19.43 -0.95
C PRO B 84 -0.96 18.26 -0.10
N MET B 85 -0.35 18.61 1.03
CA MET B 85 0.09 17.60 1.97
C MET B 85 -1.14 16.83 2.47
N MET B 86 -0.97 15.54 2.70
CA MET B 86 -2.10 14.80 3.18
C MET B 86 -2.67 15.40 4.48
N VAL B 87 -1.82 15.71 5.46
CA VAL B 87 -2.30 16.37 6.67
C VAL B 87 -1.68 17.75 6.78
N THR B 88 -2.42 18.65 7.45
CA THR B 88 -2.01 20.05 7.71
C THR B 88 -1.05 20.15 8.91
N HIS B 89 -1.02 19.10 9.73
CA HIS B 89 -0.21 19.07 10.93
C HIS B 89 0.19 17.62 11.21
N ASN B 90 1.46 17.29 10.93
CA ASN B 90 1.92 15.89 10.91
C ASN B 90 2.39 15.38 12.27
N SER B 91 1.60 14.44 12.82
CA SER B 91 1.94 13.71 14.07
C SER B 91 2.84 12.46 13.88
N SER B 92 3.20 12.11 12.63
CA SER B 92 4.01 10.89 12.31
C SER B 92 5.39 10.88 12.98
N THR B 96 6.82 11.78 8.20
CA THR B 96 6.86 11.30 6.83
C THR B 96 5.96 12.09 5.90
N ALA B 97 6.56 12.58 4.82
CA ALA B 97 5.96 13.68 4.07
C ALA B 97 4.93 13.30 2.99
N PHE B 98 3.92 12.48 3.33
CA PHE B 98 2.88 12.10 2.36
C PHE B 98 2.05 13.25 1.88
N THR B 99 1.95 13.28 0.57
CA THR B 99 1.05 14.12 -0.14
C THR B 99 -0.34 13.44 -0.19
N VAL B 100 -1.43 14.18 -0.49
CA VAL B 100 -2.66 13.50 -0.91
C VAL B 100 -2.28 12.44 -1.96
N THR B 101 -2.97 11.32 -1.97
CA THR B 101 -2.62 10.26 -2.92
C THR B 101 -3.24 10.45 -4.34
N ILE B 102 -2.66 9.77 -5.31
CA ILE B 102 -2.98 10.05 -6.72
C ILE B 102 -3.31 8.80 -7.56
N GLU B 103 -4.22 8.97 -8.54
CA GLU B 103 -4.37 8.02 -9.65
C GLU B 103 -4.29 8.77 -11.01
N ALA B 104 -3.72 8.13 -12.03
CA ALA B 104 -3.84 8.67 -13.42
C ALA B 104 -5.30 8.94 -13.71
N ALA B 105 -5.64 10.15 -14.20
CA ALA B 105 -6.99 10.44 -14.67
C ALA B 105 -7.39 9.63 -15.92
N GLU B 106 -6.43 9.27 -16.77
CA GLU B 106 -6.70 8.47 -17.98
C GLU B 106 -5.65 7.38 -18.01
N GLY B 107 -5.98 6.24 -18.59
CA GLY B 107 -4.95 5.23 -18.88
C GLY B 107 -4.84 4.07 -17.91
N VAL B 108 -5.82 3.95 -17.00
CA VAL B 108 -5.79 2.97 -15.89
C VAL B 108 -7.19 2.48 -15.70
N THR B 109 -7.34 1.45 -14.91
CA THR B 109 -8.66 1.00 -14.58
C THR B 109 -8.77 1.22 -13.09
N THR B 110 -8.44 0.19 -12.34
CA THR B 110 -8.56 0.26 -10.90
C THR B 110 -7.42 1.02 -10.22
N GLY B 111 -6.29 1.18 -10.93
CA GLY B 111 -5.14 1.88 -10.36
C GLY B 111 -4.10 1.05 -9.60
N VAL B 112 -4.44 -0.19 -9.29
CA VAL B 112 -3.65 -0.98 -8.35
C VAL B 112 -2.64 -1.91 -9.05
N SER B 113 -2.92 -2.29 -10.30
CA SER B 113 -1.99 -3.19 -11.02
C SER B 113 -0.65 -2.46 -11.14
N ALA B 114 0.39 -3.22 -11.37
CA ALA B 114 1.73 -2.72 -11.58
C ALA B 114 1.76 -1.84 -12.82
N ALA B 115 1.05 -2.24 -13.88
CA ALA B 115 0.95 -1.40 -15.03
C ALA B 115 0.34 -0.06 -14.64
N ASP B 116 -0.74 -0.09 -13.87
CA ASP B 116 -1.47 1.15 -13.53
C ASP B 116 -0.71 2.12 -12.63
N ARG B 117 0.08 1.56 -11.72
CA ARG B 117 0.81 2.40 -10.80
C ARG B 117 1.87 3.19 -11.59
N LEU B 118 2.44 2.48 -12.56
CA LEU B 118 3.40 3.04 -13.45
C LEU B 118 2.81 4.12 -14.33
N THR B 119 1.62 3.88 -14.86
CA THR B 119 0.97 4.87 -15.67
C THR B 119 0.71 6.15 -14.84
N THR B 120 0.36 5.99 -13.57
CA THR B 120 0.17 7.11 -12.70
C THR B 120 1.47 7.88 -12.47
N ILE B 121 2.54 7.14 -12.20
CA ILE B 121 3.85 7.71 -11.99
C ILE B 121 4.27 8.55 -13.23
N ARG B 122 4.10 7.98 -14.43
CA ARG B 122 4.48 8.63 -15.75
C ARG B 122 3.72 9.94 -16.01
N LYS B 123 2.42 9.90 -15.77
CA LYS B 123 1.62 11.09 -15.85
C LYS B 123 2.14 12.12 -14.85
N ALA B 124 2.41 11.70 -13.59
CA ALA B 124 2.86 12.65 -12.58
C ALA B 124 4.14 13.40 -12.93
N ILE B 125 5.12 12.70 -13.50
CA ILE B 125 6.45 13.28 -13.70
C ILE B 125 6.60 13.83 -15.10
N ALA B 126 5.57 13.70 -15.92
CA ALA B 126 5.69 14.09 -17.33
C ALA B 126 5.88 15.60 -17.44
N ASP B 127 6.62 16.02 -18.45
CA ASP B 127 7.09 17.41 -18.56
C ASP B 127 6.02 18.48 -18.36
N ASN B 128 4.92 18.37 -19.08
CA ASN B 128 3.85 19.36 -18.92
C ASN B 128 2.67 18.87 -18.06
N ALA B 129 2.95 18.14 -16.99
CA ALA B 129 1.88 17.55 -16.19
C ALA B 129 1.09 18.66 -15.49
N LYS B 130 -0.23 18.49 -15.45
CA LYS B 130 -1.16 19.45 -14.83
C LYS B 130 -1.97 18.67 -13.79
N PRO B 131 -2.47 19.35 -12.75
CA PRO B 131 -3.36 18.74 -11.72
C PRO B 131 -4.46 17.83 -12.28
N ALA B 132 -5.08 18.24 -13.39
CA ALA B 132 -6.21 17.47 -13.94
C ALA B 132 -5.77 16.10 -14.47
N ASP B 133 -4.46 15.94 -14.64
CA ASP B 133 -3.91 14.67 -15.08
C ASP B 133 -4.01 13.55 -14.03
N LEU B 134 -4.22 13.98 -12.78
CA LEU B 134 -4.27 13.09 -11.63
C LEU B 134 -5.61 13.16 -10.90
N ASN B 135 -6.23 12.01 -10.67
CA ASN B 135 -7.40 11.98 -9.81
C ASN B 135 -6.85 11.78 -8.40
N ARG B 136 -7.61 12.27 -7.43
CA ARG B 136 -7.33 11.98 -6.02
C ARG B 136 -8.56 11.51 -5.27
N PRO B 137 -8.40 10.52 -4.41
CA PRO B 137 -7.18 9.82 -4.00
C PRO B 137 -6.85 8.71 -4.92
N GLY B 138 -5.80 7.96 -4.59
CA GLY B 138 -5.45 6.83 -5.35
C GLY B 138 -4.45 5.95 -4.65
N HIS B 139 -3.79 5.15 -5.48
CA HIS B 139 -2.99 4.07 -5.02
C HIS B 139 -1.51 4.23 -5.25
N VAL B 140 -1.08 5.44 -5.61
CA VAL B 140 0.34 5.85 -5.66
C VAL B 140 0.48 6.96 -4.65
N PHE B 141 1.53 6.87 -3.84
CA PHE B 141 1.71 7.70 -2.67
C PHE B 141 2.90 8.60 -2.88
N PRO B 142 2.65 9.86 -3.28
CA PRO B 142 3.73 10.82 -3.41
C PRO B 142 4.27 11.21 -2.03
N LEU B 143 5.57 11.43 -1.97
CA LEU B 143 6.25 11.98 -0.80
C LEU B 143 7.06 13.20 -1.23
N ARG B 144 6.91 14.33 -0.52
CA ARG B 144 7.65 15.55 -0.83
C ARG B 144 9.03 15.43 -0.22
N GLY B 145 10.08 15.46 -1.05
CA GLY B 145 11.45 15.57 -0.55
C GLY B 145 11.70 16.89 0.12
N GLN B 146 12.54 16.90 1.12
CA GLN B 146 12.88 18.13 1.72
C GLN B 146 13.87 18.89 0.83
N PRO B 147 13.65 20.21 0.65
CA PRO B 147 14.66 21.01 -0.03
C PRO B 147 16.06 20.72 0.54
N GLY B 148 17.02 20.42 -0.34
CA GLY B 148 18.41 20.17 0.06
C GLY B 148 18.77 18.71 0.09
N GLY B 149 17.76 17.86 -0.02
CA GLY B 149 18.01 16.43 -0.12
C GLY B 149 18.59 15.88 1.16
N VAL B 150 19.37 14.81 1.02
CA VAL B 150 20.00 14.12 2.13
C VAL B 150 20.86 15.03 3.03
N LEU B 151 21.40 16.11 2.46
CA LEU B 151 22.18 17.01 3.27
C LEU B 151 21.30 17.71 4.30
N SER B 152 19.99 17.73 4.07
CA SER B 152 19.04 18.32 5.04
C SER B 152 18.30 17.27 5.83
N ARG B 153 18.08 16.10 5.25
CA ARG B 153 17.28 15.11 5.93
C ARG B 153 17.70 13.76 5.37
N ARG B 154 18.22 12.91 6.24
CA ARG B 154 18.84 11.66 5.84
C ARG B 154 17.79 10.57 5.70
N GLY B 155 16.75 10.84 4.90
CA GLY B 155 15.68 9.90 4.67
C GLY B 155 15.86 9.22 3.35
N HIS B 156 15.27 8.02 3.24
CA HIS B 156 15.14 7.35 1.96
C HIS B 156 14.43 8.22 0.90
N THR B 157 13.44 9.03 1.31
CA THR B 157 12.72 9.88 0.34
C THR B 157 13.69 10.81 -0.35
N GLU B 158 14.56 11.42 0.44
CA GLU B 158 15.54 12.36 -0.10
C GLU B 158 16.62 11.68 -0.92
N ALA B 159 17.10 10.57 -0.40
CA ALA B 159 18.10 9.73 -1.08
C ALA B 159 17.66 9.32 -2.49
N SER B 160 16.37 8.94 -2.64
CA SER B 160 15.86 8.51 -3.95
C SER B 160 15.90 9.64 -4.96
N ILE B 161 15.46 10.84 -4.53
CA ILE B 161 15.53 12.02 -5.39
C ILE B 161 16.98 12.43 -5.70
N ASP B 162 17.87 12.39 -4.72
CA ASP B 162 19.28 12.74 -4.96
C ASP B 162 19.97 11.71 -5.90
N LEU B 163 19.64 10.44 -5.78
CA LEU B 163 20.19 9.46 -6.69
C LEU B 163 19.64 9.57 -8.13
N ALA B 164 18.34 9.88 -8.27
CA ALA B 164 17.78 10.03 -9.62
C ALA B 164 18.57 11.16 -10.34
N THR B 165 18.77 12.25 -9.60
CA THR B 165 19.40 13.47 -10.10
C THR B 165 20.84 13.17 -10.41
N LEU B 166 21.58 12.61 -9.46
CA LEU B 166 22.96 12.18 -9.73
C LEU B 166 23.03 11.28 -10.97
N ALA B 167 22.02 10.44 -11.19
CA ALA B 167 22.05 9.51 -12.33
C ALA B 167 21.60 10.13 -13.67
N GLY B 168 21.20 11.40 -13.65
CA GLY B 168 20.76 12.09 -14.84
C GLY B 168 19.31 11.94 -15.28
N TYR B 169 18.41 11.65 -14.35
CA TYR B 169 17.00 11.63 -14.62
C TYR B 169 16.30 12.86 -14.07
N LYS B 170 15.02 12.94 -14.37
CA LYS B 170 14.19 13.88 -13.68
C LYS B 170 14.32 13.51 -12.20
N PRO B 171 14.32 14.51 -11.32
CA PRO B 171 14.51 14.37 -9.87
C PRO B 171 13.28 13.76 -9.22
N ALA B 172 13.05 12.47 -9.47
CA ALA B 172 11.89 11.76 -8.95
C ALA B 172 12.25 10.27 -8.72
N GLY B 173 12.04 9.81 -7.49
CA GLY B 173 12.35 8.41 -7.14
C GLY B 173 11.09 7.61 -6.96
N VAL B 174 11.21 6.30 -7.09
CA VAL B 174 10.20 5.37 -6.55
C VAL B 174 10.88 4.53 -5.44
N LEU B 175 10.21 4.30 -4.32
CA LEU B 175 10.81 3.49 -3.26
C LEU B 175 9.75 2.65 -2.58
N CYS B 176 10.19 1.52 -2.02
CA CYS B 176 9.37 0.63 -1.21
C CYS B 176 10.26 -0.13 -0.22
N GLU B 177 9.78 -0.28 1.01
CA GLU B 177 10.56 -0.89 2.07
C GLU B 177 10.59 -2.39 1.81
N LEU B 178 11.78 -2.99 1.83
CA LEU B 178 11.88 -4.45 1.59
C LEU B 178 11.29 -5.24 2.76
N THR B 179 10.30 -6.10 2.53
CA THR B 179 9.68 -6.92 3.59
C THR B 179 9.93 -8.45 3.41
N ASN B 180 9.88 -9.23 4.48
CA ASN B 180 10.02 -10.68 4.32
C ASN B 180 8.63 -11.28 4.24
N ASP B 181 8.63 -12.52 3.79
CA ASP B 181 7.37 -13.15 3.48
C ASP B 181 6.58 -13.34 4.77
N ASP B 182 7.29 -13.34 5.91
CA ASP B 182 6.63 -13.52 7.18
C ASP B 182 6.16 -12.19 7.75
N GLY B 183 6.33 -11.11 7.01
CA GLY B 183 5.77 -9.79 7.47
C GLY B 183 6.72 -8.93 8.29
N SER B 184 7.91 -9.47 8.60
CA SER B 184 8.97 -8.71 9.23
C SER B 184 9.65 -7.90 8.16
N MET B 185 10.13 -6.71 8.56
CA MET B 185 10.96 -5.87 7.64
C MET B 185 12.38 -6.41 7.57
N ALA B 186 12.99 -6.25 6.40
CA ALA B 186 14.33 -6.78 6.12
C ALA B 186 15.30 -6.02 7.00
N HIS B 187 16.27 -6.72 7.53
CA HIS B 187 17.40 -6.07 8.18
C HIS B 187 18.64 -6.16 7.29
N ALA B 188 19.79 -5.72 7.79
CA ALA B 188 20.89 -5.42 6.89
C ALA B 188 21.32 -6.69 6.17
N PRO B 189 21.48 -7.81 6.91
CA PRO B 189 21.84 -9.04 6.22
C PRO B 189 20.88 -9.42 5.14
N GLU B 190 19.58 -9.24 5.38
CA GLU B 190 18.59 -9.63 4.41
C GLU B 190 18.56 -8.67 3.21
N VAL B 191 18.68 -7.38 3.51
CA VAL B 191 18.77 -6.39 2.44
C VAL B 191 19.95 -6.69 1.52
N ILE B 192 21.12 -6.94 2.09
CA ILE B 192 22.32 -7.45 1.33
C ILE B 192 22.08 -8.71 0.49
N ALA B 193 21.45 -9.72 1.07
CA ALA B 193 21.13 -10.94 0.36
C ALA B 193 20.19 -10.63 -0.83
N PHE B 194 19.20 -9.78 -0.60
CA PHE B 194 18.23 -9.48 -1.64
C PHE B 194 18.92 -8.70 -2.78
N ALA B 195 19.72 -7.72 -2.39
CA ALA B 195 20.54 -6.94 -3.31
C ALA B 195 21.39 -7.87 -4.15
N LYS B 196 22.14 -8.74 -3.49
CA LYS B 196 23.04 -9.68 -4.20
C LYS B 196 22.28 -10.62 -5.14
N LEU B 197 21.08 -11.00 -4.75
CA LEU B 197 20.24 -11.88 -5.56
C LEU B 197 19.53 -11.25 -6.71
N HIS B 198 19.18 -9.97 -6.58
CA HIS B 198 18.47 -9.27 -7.62
C HIS B 198 19.34 -8.28 -8.40
N ASP B 199 20.66 -8.34 -8.19
CA ASP B 199 21.56 -7.46 -8.89
C ASP B 199 21.20 -6.01 -8.68
N MET B 200 20.85 -5.66 -7.44
CA MET B 200 20.53 -4.29 -7.05
C MET B 200 21.45 -3.83 -5.93
N PRO B 201 22.50 -3.04 -6.26
CA PRO B 201 23.55 -2.70 -5.31
C PRO B 201 23.06 -2.00 -4.03
N VAL B 202 23.74 -2.24 -2.92
CA VAL B 202 23.42 -1.58 -1.68
C VAL B 202 24.22 -0.29 -1.52
N VAL B 203 23.55 0.78 -1.12
CA VAL B 203 24.23 2.02 -0.73
C VAL B 203 23.52 2.51 0.52
N THR B 204 24.28 3.06 1.47
CA THR B 204 23.64 3.62 2.69
C THR B 204 23.31 5.12 2.48
N ILE B 205 22.36 5.63 3.24
CA ILE B 205 22.07 7.07 3.21
C ILE B 205 23.32 7.85 3.70
N ASP B 206 24.06 7.29 4.66
CA ASP B 206 25.29 7.92 5.12
C ASP B 206 26.29 8.09 3.94
N ASP B 207 26.58 6.98 3.26
CA ASP B 207 27.35 6.97 1.99
C ASP B 207 27.03 8.12 1.05
N LEU B 208 25.75 8.28 0.77
CA LEU B 208 25.30 9.26 -0.15
C LEU B 208 25.53 10.65 0.42
N ALA B 209 25.20 10.86 1.69
CA ALA B 209 25.36 12.18 2.34
C ALA B 209 26.79 12.66 2.26
N ALA B 210 27.71 11.76 2.63
CA ALA B 210 29.14 12.05 2.61
C ALA B 210 29.57 12.42 1.21
N TYR B 211 29.18 11.59 0.26
CA TYR B 211 29.59 11.76 -1.12
C TYR B 211 29.19 13.16 -1.62
N LEU B 212 27.98 13.59 -1.30
CA LEU B 212 27.47 14.90 -1.68
C LEU B 212 28.17 16.08 -0.96
N GLN B 213 28.51 15.87 0.31
CA GLN B 213 29.16 16.91 1.12
C GLN B 213 30.46 17.20 0.43
N SER B 214 31.14 16.13 0.13
CA SER B 214 32.10 16.00 -0.95
C SER B 214 33.32 15.25 -0.49
#